data_3EPU
#
_entry.id   3EPU
#
_cell.length_a   103.838
_cell.length_b   46.832
_cell.length_c   65.936
_cell.angle_alpha   90.00
_cell.angle_beta   106.39
_cell.angle_gamma   90.00
#
_symmetry.space_group_name_H-M   'C 1 2 1'
#
loop_
_entity.id
_entity.type
_entity.pdbx_description
1 polymer 'STM2138 Virulence Chaperone'
2 water water
#
_entity_poly.entity_id   1
_entity_poly.type   'polypeptide(L)'
_entity_poly.pdbx_seq_one_letter_code
;MYSRADRLLRQFSLKLNTDSIVFDENRLCSFIIDNRYRILLTSTNSEYIMIYGFCGKPPDNNNLAFEFLNANLWFAENNG
PHLCYDNNSQSLLLALNFSLNESSVEKLECEIEVVIRSMENLYHILQDKGITLDTDYTHHHHHH
;
_entity_poly.pdbx_strand_id   A,B
#
# COMPACT_ATOMS: atom_id res chain seq x y z
N MET A 1 12.44 7.39 -31.07
CA MET A 1 13.78 7.76 -30.53
C MET A 1 13.81 7.88 -29.00
N TYR A 2 12.69 8.23 -28.38
CA TYR A 2 12.66 8.28 -26.93
C TYR A 2 11.80 7.17 -26.33
N SER A 3 12.35 6.52 -25.29
CA SER A 3 11.54 5.63 -24.44
C SER A 3 10.28 6.29 -23.86
N ARG A 4 9.27 5.45 -23.63
CA ARG A 4 7.99 5.88 -23.08
C ARG A 4 8.08 6.66 -21.73
N ALA A 5 8.99 6.22 -20.87
CA ALA A 5 9.26 6.90 -19.62
C ALA A 5 9.81 8.33 -19.83
N ASP A 6 10.74 8.47 -20.77
CA ASP A 6 11.38 9.75 -21.06
C ASP A 6 10.43 10.75 -21.72
N ARG A 7 9.66 10.25 -22.67
CA ARG A 7 8.64 11.06 -23.33
C ARG A 7 7.61 11.55 -22.33
N LEU A 8 7.10 10.65 -21.51
CA LEU A 8 6.11 11.00 -20.51
C LEU A 8 6.65 12.06 -19.55
N LEU A 9 7.91 11.92 -19.15
CA LEU A 9 8.52 12.82 -18.18
C LEU A 9 8.76 14.16 -18.83
N ARG A 10 9.07 14.13 -20.14
CA ARG A 10 9.23 15.34 -20.91
C ARG A 10 7.94 16.14 -20.94
N GLN A 11 6.81 15.46 -21.08
CA GLN A 11 5.53 16.15 -21.06
C GLN A 11 5.30 16.78 -19.68
N PHE A 12 5.49 15.97 -18.62
CA PHE A 12 5.38 16.41 -17.22
C PHE A 12 6.27 17.63 -16.96
N SER A 13 7.50 17.59 -17.49
CA SER A 13 8.45 18.68 -17.33
C SER A 13 7.95 19.99 -17.98
N LEU A 14 7.65 19.93 -19.28
CA LEU A 14 7.09 21.08 -20.02
C LEU A 14 5.80 21.61 -19.41
N LYS A 15 4.90 20.71 -19.03
CA LYS A 15 3.68 21.09 -18.35
C LYS A 15 3.98 21.91 -17.09
N LEU A 16 4.96 21.45 -16.29
CA LEU A 16 5.43 22.20 -15.11
C LEU A 16 6.36 23.35 -15.47
N ASN A 17 6.61 23.55 -16.76
CA ASN A 17 7.27 24.77 -17.27
C ASN A 17 8.80 24.82 -17.11
N THR A 18 9.42 23.64 -17.06
CA THR A 18 10.87 23.52 -16.97
C THR A 18 11.44 22.44 -17.90
N ASP A 19 12.75 22.53 -18.17
CA ASP A 19 13.50 21.50 -18.89
C ASP A 19 14.17 20.56 -17.91
N SER A 20 14.10 20.91 -16.63
CA SER A 20 14.92 20.29 -15.60
C SER A 20 14.47 18.89 -15.23
N ILE A 21 13.17 18.62 -15.35
CA ILE A 21 12.66 17.34 -14.87
C ILE A 21 12.95 16.26 -15.91
N VAL A 22 14.04 15.55 -15.67
CA VAL A 22 14.53 14.53 -16.59
C VAL A 22 15.25 13.43 -15.79
N PHE A 23 15.25 12.20 -16.31
CA PHE A 23 15.95 11.09 -15.66
C PHE A 23 17.44 11.23 -15.86
N ASP A 24 18.22 11.15 -14.79
CA ASP A 24 19.68 11.23 -14.93
C ASP A 24 20.26 9.83 -15.20
N GLU A 25 21.56 9.76 -15.40
CA GLU A 25 22.23 8.51 -15.82
C GLU A 25 22.00 7.26 -14.99
N ASN A 26 21.46 7.43 -13.78
CA ASN A 26 21.04 6.31 -12.95
C ASN A 26 19.55 6.07 -13.02
N ARG A 27 18.89 6.77 -13.95
CA ARG A 27 17.42 6.72 -14.10
C ARG A 27 16.66 7.28 -12.88
N LEU A 28 17.23 8.29 -12.23
CA LEU A 28 16.62 8.91 -11.06
C LEU A 28 16.23 10.33 -11.41
N CYS A 29 15.04 10.73 -10.96
CA CYS A 29 14.56 12.09 -11.13
C CYS A 29 13.91 12.55 -9.83
N SER A 30 14.47 13.60 -9.25
CA SER A 30 14.01 14.12 -7.99
C SER A 30 13.43 15.52 -8.20
N PHE A 31 12.32 15.85 -7.53
CA PHE A 31 11.82 17.22 -7.50
C PHE A 31 10.92 17.45 -6.30
N ILE A 32 10.61 18.72 -6.06
CA ILE A 32 9.72 19.04 -4.96
C ILE A 32 8.42 19.68 -5.45
N ILE A 33 7.30 19.18 -4.95
CA ILE A 33 6.00 19.79 -5.28
C ILE A 33 5.62 20.75 -4.17
N ASP A 34 5.15 21.94 -4.54
CA ASP A 34 4.67 22.97 -3.60
C ASP A 34 5.63 23.33 -2.46
N ASN A 35 6.94 23.33 -2.73
CA ASN A 35 7.94 23.57 -1.71
C ASN A 35 7.77 22.69 -0.46
N ARG A 36 7.09 21.57 -0.58
CA ARG A 36 6.82 20.72 0.58
C ARG A 36 7.03 19.22 0.36
N TYR A 37 6.61 18.67 -0.78
CA TYR A 37 6.68 17.22 -0.99
C TYR A 37 7.84 16.78 -1.90
N ARG A 38 8.75 16.00 -1.33
CA ARG A 38 9.93 15.53 -2.07
C ARG A 38 9.62 14.22 -2.79
N ILE A 39 9.54 14.34 -4.12
CA ILE A 39 9.21 13.24 -5.01
C ILE A 39 10.46 12.71 -5.73
N LEU A 40 10.66 11.39 -5.68
CA LEU A 40 11.69 10.72 -6.47
C LEU A 40 11.01 9.78 -7.47
N LEU A 41 11.38 9.86 -8.74
CA LEU A 41 10.89 8.95 -9.79
C LEU A 41 12.04 8.04 -10.27
N THR A 42 11.76 6.74 -10.45
CA THR A 42 12.73 5.82 -11.10
C THR A 42 12.15 5.05 -12.29
N SER A 43 12.97 4.83 -13.32
CA SER A 43 12.57 4.01 -14.49
C SER A 43 13.70 3.09 -14.88
N THR A 44 13.85 1.99 -14.15
CA THR A 44 14.90 1.05 -14.46
C THR A 44 14.36 -0.11 -15.31
N ASN A 45 13.05 -0.38 -15.16
CA ASN A 45 12.31 -1.29 -16.05
C ASN A 45 11.62 -0.48 -17.14
N SER A 46 11.28 -1.13 -18.25
CA SER A 46 10.67 -0.44 -19.38
C SER A 46 9.16 -0.27 -19.25
N GLU A 47 8.56 -0.93 -18.25
CA GLU A 47 7.11 -1.11 -18.16
C GLU A 47 6.45 -0.22 -17.12
N TYR A 48 7.24 0.31 -16.19
CA TYR A 48 6.69 1.17 -15.14
C TYR A 48 7.69 2.16 -14.58
N ILE A 49 7.16 3.23 -13.99
CA ILE A 49 7.93 4.19 -13.20
C ILE A 49 7.55 3.96 -11.74
N MET A 50 8.54 3.91 -10.85
CA MET A 50 8.28 3.94 -9.40
C MET A 50 8.20 5.39 -8.96
N ILE A 51 7.20 5.68 -8.12
CA ILE A 51 7.02 7.00 -7.56
C ILE A 51 7.25 6.92 -6.06
N TYR A 52 8.25 7.65 -5.57
CA TYR A 52 8.52 7.69 -4.13
C TYR A 52 8.28 9.09 -3.54
N GLY A 53 7.46 9.12 -2.50
CA GLY A 53 7.28 10.33 -1.70
C GLY A 53 8.13 10.26 -0.44
N PHE A 54 9.09 11.18 -0.28
CA PHE A 54 9.96 11.15 0.90
C PHE A 54 9.34 11.79 2.11
N CYS A 55 9.03 10.96 3.11
CA CYS A 55 8.33 11.41 4.31
C CYS A 55 9.27 11.87 5.40
N GLY A 56 10.55 11.53 5.28
CA GLY A 56 11.54 11.96 6.26
C GLY A 56 11.93 10.85 7.24
N LYS A 57 12.76 11.20 8.22
CA LYS A 57 13.34 10.21 9.12
C LYS A 57 12.60 10.11 10.46
N PRO A 58 12.14 8.89 10.82
CA PRO A 58 11.42 8.59 12.08
C PRO A 58 12.17 8.99 13.34
N PRO A 59 11.43 9.44 14.37
CA PRO A 59 12.03 9.77 15.67
C PRO A 59 12.61 8.55 16.38
N ASP A 60 13.25 8.78 17.53
CA ASP A 60 13.96 7.74 18.22
C ASP A 60 13.08 6.77 19.05
N ASN A 61 12.68 5.68 18.39
CA ASN A 61 11.73 4.66 18.89
C ASN A 61 10.69 5.09 19.93
N LEU A 64 8.00 2.39 17.25
CA LEU A 64 7.52 3.17 16.12
C LEU A 64 7.22 2.36 14.85
N ALA A 65 8.05 1.36 14.56
CA ALA A 65 7.97 0.60 13.31
C ALA A 65 6.63 -0.12 13.10
N PHE A 66 6.07 -0.66 14.19
CA PHE A 66 4.77 -1.30 14.18
C PHE A 66 3.62 -0.35 13.91
N GLU A 67 3.77 0.89 14.36
CA GLU A 67 2.77 1.92 14.14
C GLU A 67 2.74 2.27 12.67
N PHE A 68 3.91 2.25 12.05
CA PHE A 68 4.02 2.47 10.62
C PHE A 68 3.41 1.31 9.82
N LEU A 69 3.65 0.08 10.26
CA LEU A 69 3.01 -1.11 9.67
C LEU A 69 1.50 -1.08 9.83
N ASN A 70 1.04 -0.58 10.98
CA ASN A 70 -0.38 -0.38 11.20
C ASN A 70 -0.94 0.69 10.27
N ALA A 71 -0.20 1.77 10.07
CA ALA A 71 -0.65 2.81 9.15
C ALA A 71 -0.81 2.24 7.74
N ASN A 72 0.00 1.24 7.40
CA ASN A 72 -0.07 0.59 6.10
C ASN A 72 -1.38 -0.15 5.86
N LEU A 73 -2.09 -0.54 6.92
CA LEU A 73 -3.46 -1.05 6.77
C LEU A 73 -4.35 -0.02 6.14
N TRP A 74 -4.17 1.22 6.55
CA TRP A 74 -5.03 2.30 6.07
C TRP A 74 -4.79 2.57 4.59
N PHE A 75 -3.55 2.55 4.17
CA PHE A 75 -3.26 2.84 2.78
C PHE A 75 -3.71 1.70 1.86
N ALA A 76 -3.50 0.45 2.27
CA ALA A 76 -4.02 -0.68 1.53
C ALA A 76 -5.52 -0.60 1.39
N GLU A 77 -6.21 -0.25 2.48
CA GLU A 77 -7.68 -0.15 2.42
C GLU A 77 -8.19 0.98 1.54
N ASN A 78 -7.37 2.02 1.36
CA ASN A 78 -7.76 3.12 0.50
C ASN A 78 -7.01 3.14 -0.82
N ASN A 79 -6.44 2.02 -1.25
CA ASN A 79 -5.71 1.97 -2.51
C ASN A 79 -4.55 2.96 -2.58
N GLY A 80 -3.87 3.18 -1.46
CA GLY A 80 -2.77 4.11 -1.45
C GLY A 80 -1.47 3.43 -1.73
N PRO A 81 -0.36 4.20 -1.70
CA PRO A 81 1.00 3.68 -1.83
C PRO A 81 1.37 2.83 -0.63
N HIS A 82 2.46 2.08 -0.77
CA HIS A 82 3.01 1.30 0.32
C HIS A 82 3.83 2.25 1.19
N LEU A 83 3.64 2.18 2.49
CA LEU A 83 4.50 2.89 3.42
C LEU A 83 5.73 2.04 3.65
N CYS A 84 6.90 2.56 3.33
CA CYS A 84 8.11 1.76 3.42
C CYS A 84 9.18 2.49 4.18
N TYR A 85 10.16 1.72 4.63
CA TYR A 85 11.35 2.28 5.23
C TYR A 85 12.53 1.92 4.32
N ASP A 86 13.40 2.89 4.07
CA ASP A 86 14.55 2.69 3.19
C ASP A 86 15.87 2.73 3.99
N ASN A 87 16.70 1.68 3.83
CA ASN A 87 17.99 1.57 4.54
C ASN A 87 18.99 2.71 4.28
N ASN A 88 19.07 3.15 3.03
CA ASN A 88 20.00 4.19 2.64
C ASN A 88 19.85 5.55 3.28
N SER A 89 18.68 6.15 3.05
CA SER A 89 18.39 7.48 3.50
C SER A 89 17.89 7.39 4.93
N GLN A 90 17.80 6.15 5.45
CA GLN A 90 17.14 5.87 6.75
C GLN A 90 15.80 6.58 7.00
N SER A 91 15.04 6.77 5.93
CA SER A 91 13.74 7.46 6.01
C SER A 91 12.52 6.66 5.58
N LEU A 92 11.35 7.10 6.02
CA LEU A 92 10.09 6.59 5.52
C LEU A 92 9.82 7.13 4.14
N LEU A 93 9.17 6.32 3.32
CA LEU A 93 8.68 6.78 2.03
C LEU A 93 7.45 6.06 1.58
N LEU A 94 6.62 6.77 0.84
CA LEU A 94 5.41 6.20 0.25
C LEU A 94 5.74 5.80 -1.19
N ALA A 95 5.56 4.53 -1.50
CA ALA A 95 5.92 3.98 -2.82
C ALA A 95 4.73 3.55 -3.65
N LEU A 96 4.72 3.96 -4.92
CA LEU A 96 3.67 3.57 -5.85
C LEU A 96 4.21 3.20 -7.24
N ASN A 97 3.89 2.00 -7.72
CA ASN A 97 4.30 1.55 -9.06
C ASN A 97 3.39 2.15 -10.12
N PHE A 98 3.94 2.98 -10.98
CA PHE A 98 3.15 3.57 -12.05
C PHE A 98 3.41 2.83 -13.34
N SER A 99 2.40 2.12 -13.82
CA SER A 99 2.51 1.36 -15.07
C SER A 99 2.55 2.26 -16.32
N LEU A 100 3.48 2.00 -17.22
CA LEU A 100 3.57 2.78 -18.46
C LEU A 100 2.54 2.38 -19.52
N ASN A 101 1.95 1.19 -19.39
CA ASN A 101 0.88 0.76 -20.28
C ASN A 101 -0.36 1.66 -20.16
N GLU A 102 -0.83 2.16 -21.30
CA GLU A 102 -1.98 3.09 -21.40
C GLU A 102 -1.82 4.30 -20.51
N SER A 103 -0.61 4.87 -20.51
CA SER A 103 -0.30 5.98 -19.63
C SER A 103 -0.34 7.29 -20.41
N SER A 104 -0.77 8.37 -19.74
CA SER A 104 -0.67 9.73 -20.24
C SER A 104 -0.13 10.62 -19.11
N VAL A 105 0.37 11.80 -19.49
CA VAL A 105 0.89 12.76 -18.52
C VAL A 105 -0.17 13.10 -17.47
N GLU A 106 -1.44 13.13 -17.87
CA GLU A 106 -2.54 13.38 -16.93
C GLU A 106 -2.68 12.29 -15.87
N LYS A 107 -2.48 11.03 -16.25
CA LYS A 107 -2.50 9.92 -15.26
C LYS A 107 -1.30 9.93 -14.28
N LEU A 108 -0.15 10.36 -14.77
CA LEU A 108 1.05 10.42 -13.94
C LEU A 108 0.87 11.46 -12.84
N GLU A 109 0.35 12.63 -13.19
CA GLU A 109 0.05 13.69 -12.23
C GLU A 109 -0.92 13.25 -11.14
N CYS A 110 -1.93 12.44 -11.51
CA CYS A 110 -2.88 11.93 -10.52
C CYS A 110 -2.22 10.90 -9.61
N GLU A 111 -1.36 10.07 -10.17
CA GLU A 111 -0.63 9.11 -9.34
C GLU A 111 0.36 9.81 -8.42
N ILE A 112 0.96 10.88 -8.92
CA ILE A 112 1.79 11.75 -8.09
C ILE A 112 0.95 12.45 -7.05
N GLU A 113 -0.30 12.80 -7.41
CA GLU A 113 -1.23 13.39 -6.46
C GLU A 113 -1.67 12.41 -5.36
N VAL A 114 -1.93 11.15 -5.74
CA VAL A 114 -2.21 10.11 -4.76
C VAL A 114 -1.05 10.01 -3.74
N VAL A 115 0.19 10.06 -4.22
CA VAL A 115 1.34 10.07 -3.32
C VAL A 115 1.38 11.31 -2.40
N ILE A 116 1.12 12.49 -2.96
CA ILE A 116 1.07 13.75 -2.19
C ILE A 116 -0.03 13.78 -1.13
N ARG A 117 -1.25 13.41 -1.51
CA ARG A 117 -2.34 13.27 -0.54
C ARG A 117 -2.02 12.25 0.54
N SER A 118 -1.37 11.15 0.17
CA SER A 118 -0.98 10.16 1.13
C SER A 118 0.11 10.65 2.09
N MET A 119 1.03 11.49 1.60
CA MET A 119 2.07 12.03 2.46
C MET A 119 1.40 12.96 3.47
N GLU A 120 0.49 13.78 2.99
CA GLU A 120 -0.31 14.59 3.88
C GLU A 120 -1.14 13.74 4.84
N ASN A 121 -1.76 12.68 4.35
CA ASN A 121 -2.43 11.71 5.24
C ASN A 121 -1.54 11.15 6.36
N LEU A 122 -0.26 10.94 6.06
CA LEU A 122 0.71 10.44 7.04
C LEU A 122 1.04 11.51 8.10
N TYR A 123 1.37 12.74 7.67
CA TYR A 123 1.65 13.81 8.65
C TYR A 123 0.38 14.13 9.44
N HIS A 124 -0.75 13.48 9.11
CA HIS A 124 -1.99 13.69 9.87
C HIS A 124 -2.20 12.57 10.88
N ILE A 125 -1.84 11.35 10.55
CA ILE A 125 -1.80 10.33 11.60
C ILE A 125 -0.67 10.63 12.62
N LEU A 126 0.30 11.51 12.27
CA LEU A 126 1.50 11.77 13.09
C LEU A 126 1.60 13.10 13.88
N GLN A 127 0.97 14.17 13.38
CA GLN A 127 1.14 15.47 14.04
C GLN A 127 0.20 15.66 15.23
N ASP A 128 -1.04 15.19 15.09
CA ASP A 128 -2.03 15.19 16.19
C ASP A 128 -1.71 14.08 17.23
N LYS A 129 -1.02 13.04 16.75
CA LYS A 129 -0.49 11.91 17.55
C LYS A 129 0.94 12.12 18.13
N GLY A 130 1.53 13.31 17.92
CA GLY A 130 2.71 13.79 18.68
C GLY A 130 4.11 13.22 18.45
N ILE A 131 4.39 12.76 17.23
CA ILE A 131 5.69 12.19 16.87
C ILE A 131 5.99 12.57 15.43
N THR A 132 7.18 13.12 15.17
CA THR A 132 7.43 13.89 13.93
C THR A 132 8.70 13.56 13.12
N LEU A 133 8.57 13.56 11.80
CA LEU A 133 9.66 13.26 10.85
C LEU A 133 10.29 14.59 10.38
N ASP A 134 11.61 14.61 10.13
CA ASP A 134 12.33 15.84 9.81
C ASP A 134 12.45 16.20 8.30
N THR A 135 13.07 17.34 8.02
CA THR A 135 13.12 17.88 6.65
C THR A 135 13.95 17.14 5.62
N ASP A 136 15.24 17.01 5.87
CA ASP A 136 16.22 16.70 4.82
C ASP A 136 17.00 15.48 5.28
N SER B 3 -30.97 -17.07 2.53
CA SER B 3 -30.75 -17.16 4.00
C SER B 3 -31.72 -16.26 4.79
N ARG B 4 -32.44 -16.87 5.73
CA ARG B 4 -33.39 -16.16 6.60
C ARG B 4 -32.73 -15.03 7.41
N ALA B 5 -31.45 -15.19 7.76
CA ALA B 5 -30.75 -14.18 8.55
C ALA B 5 -30.40 -12.99 7.69
N ASP B 6 -29.94 -13.23 6.48
CA ASP B 6 -29.59 -12.15 5.56
C ASP B 6 -30.82 -11.33 5.21
N ARG B 7 -31.99 -11.96 5.15
CA ARG B 7 -33.19 -11.22 4.83
C ARG B 7 -33.56 -10.33 6.03
N LEU B 8 -33.41 -10.87 7.22
CA LEU B 8 -33.76 -10.13 8.43
C LEU B 8 -32.86 -8.90 8.63
N LEU B 9 -31.54 -9.09 8.50
CA LEU B 9 -30.59 -7.98 8.65
C LEU B 9 -30.79 -6.89 7.61
N ARG B 10 -31.02 -7.29 6.37
CA ARG B 10 -31.25 -6.32 5.29
C ARG B 10 -32.49 -5.49 5.56
N GLN B 11 -33.55 -6.14 5.99
CA GLN B 11 -34.78 -5.46 6.37
C GLN B 11 -34.58 -4.53 7.55
N PHE B 12 -33.80 -4.98 8.53
CA PHE B 12 -33.54 -4.19 9.71
C PHE B 12 -32.69 -2.95 9.42
N SER B 13 -31.66 -3.12 8.59
CA SER B 13 -30.86 -2.02 8.11
C SER B 13 -31.67 -0.95 7.41
N LEU B 14 -32.57 -1.39 6.53
CA LEU B 14 -33.42 -0.45 5.79
C LEU B 14 -34.31 0.30 6.75
N LYS B 15 -34.86 -0.41 7.75
CA LYS B 15 -35.61 0.24 8.81
C LYS B 15 -34.74 1.27 9.57
N LEU B 16 -33.47 0.97 9.80
CA LEU B 16 -32.58 1.91 10.49
C LEU B 16 -32.42 3.22 9.72
N ASN B 17 -32.16 3.13 8.42
CA ASN B 17 -32.00 4.31 7.54
C ASN B 17 -33.26 5.17 7.55
N THR B 18 -34.38 4.48 7.42
CA THR B 18 -35.72 5.00 7.63
C THR B 18 -35.90 5.83 8.91
N ASP B 19 -35.28 5.40 10.00
CA ASP B 19 -35.22 6.18 11.25
C ASP B 19 -34.04 7.17 11.32
N SER B 20 -33.42 7.46 10.19
CA SER B 20 -32.27 8.35 10.13
C SER B 20 -31.04 7.84 10.89
N ILE B 21 -30.89 6.54 10.99
CA ILE B 21 -29.71 5.99 11.64
C ILE B 21 -28.80 5.37 10.61
N VAL B 22 -27.54 5.80 10.62
CA VAL B 22 -26.51 5.23 9.74
C VAL B 22 -25.97 3.97 10.36
N PHE B 23 -25.64 2.98 9.54
CA PHE B 23 -25.05 1.77 10.05
C PHE B 23 -23.72 1.43 9.38
N ASP B 24 -22.97 0.53 10.00
CA ASP B 24 -21.77 -0.03 9.39
C ASP B 24 -22.00 -1.50 9.19
N GLU B 25 -21.93 -1.94 7.96
CA GLU B 25 -22.04 -3.35 7.63
C GLU B 25 -20.72 -3.89 7.10
N ASN B 26 -20.50 -5.17 7.34
CA ASN B 26 -19.27 -5.78 7.00
C ASN B 26 -19.58 -7.24 6.81
N ARG B 27 -19.23 -7.78 5.65
CA ARG B 27 -19.35 -9.19 5.43
C ARG B 27 -17.97 -9.86 5.45
N LEU B 28 -17.83 -10.96 6.21
CA LEU B 28 -16.56 -11.64 6.42
C LEU B 28 -16.62 -13.06 5.89
N CYS B 29 -15.52 -13.54 5.33
CA CYS B 29 -15.40 -14.92 4.87
C CYS B 29 -13.95 -15.32 5.11
N SER B 30 -13.75 -16.25 6.04
CA SER B 30 -12.41 -16.74 6.30
C SER B 30 -12.25 -18.22 6.07
N PHE B 31 -11.04 -18.60 5.68
CA PHE B 31 -10.69 -19.98 5.36
C PHE B 31 -9.18 -20.16 5.36
N ILE B 32 -8.77 -21.43 5.36
CA ILE B 32 -7.36 -21.82 5.30
C ILE B 32 -7.13 -22.61 4.03
N ILE B 33 -6.12 -22.22 3.26
CA ILE B 33 -5.69 -22.96 2.08
C ILE B 33 -4.42 -23.77 2.38
N ASP B 34 -4.37 -24.99 1.82
CA ASP B 34 -3.29 -25.99 2.06
C ASP B 34 -2.95 -26.17 3.55
N ASN B 35 -3.95 -26.02 4.42
CA ASN B 35 -3.71 -26.12 5.86
C ASN B 35 -2.62 -25.17 6.35
N ARG B 36 -2.33 -24.13 5.58
CA ARG B 36 -1.17 -23.28 5.87
C ARG B 36 -1.42 -21.77 5.76
N TYR B 37 -2.27 -21.35 4.83
CA TYR B 37 -2.51 -19.92 4.59
C TYR B 37 -3.90 -19.50 5.05
N ARG B 38 -3.96 -18.71 6.14
CA ARG B 38 -5.18 -18.14 6.62
C ARG B 38 -5.54 -16.94 5.77
N ILE B 39 -6.75 -16.94 5.22
CA ILE B 39 -7.25 -15.86 4.41
C ILE B 39 -8.55 -15.29 4.96
N LEU B 40 -8.66 -13.96 4.96
CA LEU B 40 -9.90 -13.29 5.30
C LEU B 40 -10.35 -12.34 4.20
N LEU B 41 -11.55 -12.56 3.70
CA LEU B 41 -12.22 -11.66 2.78
C LEU B 41 -13.21 -10.81 3.56
N THR B 42 -13.11 -9.48 3.40
CA THR B 42 -14.07 -8.56 4.00
C THR B 42 -14.70 -7.70 2.92
N SER B 43 -15.95 -7.34 3.16
CA SER B 43 -16.71 -6.51 2.24
C SER B 43 -17.48 -5.50 3.07
N THR B 44 -16.97 -4.26 3.14
CA THR B 44 -17.67 -3.24 3.92
C THR B 44 -18.42 -2.23 3.03
N ASN B 45 -18.25 -2.28 1.72
CA ASN B 45 -19.04 -1.44 0.82
C ASN B 45 -19.08 -1.92 -0.64
N SER B 46 -19.88 -1.25 -1.46
CA SER B 46 -20.15 -1.75 -2.80
C SER B 46 -19.09 -1.50 -3.88
N GLU B 47 -17.94 -0.98 -3.45
CA GLU B 47 -16.85 -0.65 -4.37
C GLU B 47 -15.69 -1.65 -4.43
N TYR B 48 -15.34 -2.22 -3.27
CA TYR B 48 -14.20 -3.14 -3.19
C TYR B 48 -14.34 -4.20 -2.13
N ILE B 49 -13.51 -5.24 -2.28
CA ILE B 49 -13.36 -6.25 -1.25
C ILE B 49 -11.90 -6.22 -0.81
N MET B 50 -11.65 -6.49 0.47
CA MET B 50 -10.28 -6.62 0.98
C MET B 50 -9.90 -8.08 1.14
N ILE B 51 -8.68 -8.38 0.72
CA ILE B 51 -8.11 -9.69 0.95
C ILE B 51 -6.99 -9.57 1.97
N TYR B 52 -7.15 -10.26 3.10
CA TYR B 52 -6.10 -10.26 4.13
C TYR B 52 -5.49 -11.64 4.28
N GLY B 53 -4.16 -11.71 4.10
CA GLY B 53 -3.41 -12.93 4.37
C GLY B 53 -2.82 -12.83 5.77
N PHE B 54 -3.38 -13.58 6.72
CA PHE B 54 -2.86 -13.56 8.11
C PHE B 54 -1.62 -14.39 8.22
N CYS B 55 -0.48 -13.72 8.32
CA CYS B 55 0.84 -14.35 8.31
C CYS B 55 1.21 -14.93 9.65
N GLY B 56 0.84 -14.25 10.72
CA GLY B 56 1.09 -14.74 12.08
C GLY B 56 1.64 -13.64 12.97
N LYS B 57 1.66 -13.89 14.29
CA LYS B 57 2.21 -12.92 15.24
C LYS B 57 3.71 -12.82 15.08
N PRO B 58 4.26 -11.60 14.95
CA PRO B 58 5.72 -11.52 14.83
C PRO B 58 6.40 -11.40 16.20
N PRO B 59 7.66 -11.84 16.29
CA PRO B 59 8.46 -11.54 17.48
C PRO B 59 8.40 -10.04 17.75
N ASP B 60 8.09 -9.63 18.98
CA ASP B 60 7.98 -8.19 19.29
C ASP B 60 9.43 -7.70 19.32
N ASN B 61 9.83 -7.17 18.18
CA ASN B 61 11.17 -6.72 17.92
C ASN B 61 11.05 -5.51 17.00
N ASN B 62 11.24 -4.33 17.59
CA ASN B 62 11.07 -3.07 16.89
C ASN B 62 12.00 -2.93 15.67
N ASN B 63 13.14 -3.61 15.70
CA ASN B 63 14.09 -3.55 14.60
C ASN B 63 13.70 -4.44 13.42
N LEU B 64 13.25 -5.66 13.73
CA LEU B 64 12.71 -6.59 12.74
C LEU B 64 11.50 -5.96 12.00
N ALA B 65 10.70 -5.20 12.72
CA ALA B 65 9.59 -4.44 12.13
C ALA B 65 10.05 -3.44 11.07
N PHE B 66 11.22 -2.81 11.29
CA PHE B 66 11.83 -1.94 10.28
C PHE B 66 12.22 -2.73 9.02
N GLU B 67 12.50 -4.03 9.14
CA GLU B 67 12.70 -4.86 7.93
C GLU B 67 11.38 -5.23 7.24
N PHE B 68 10.30 -5.36 8.02
CA PHE B 68 8.98 -5.54 7.42
C PHE B 68 8.65 -4.30 6.57
N LEU B 69 8.89 -3.12 7.12
CA LEU B 69 8.64 -1.88 6.41
C LEU B 69 9.51 -1.74 5.18
N ASN B 70 10.79 -2.07 5.35
CA ASN B 70 11.70 -2.12 4.22
C ASN B 70 11.28 -3.11 3.12
N ALA B 71 10.67 -4.23 3.48
CA ALA B 71 10.22 -5.19 2.48
C ALA B 71 9.06 -4.66 1.61
N ASN B 72 8.31 -3.70 2.15
CA ASN B 72 7.25 -3.04 1.39
C ASN B 72 7.73 -2.36 0.12
N LEU B 73 9.04 -2.06 0.05
CA LEU B 73 9.65 -1.60 -1.20
C LEU B 73 9.57 -2.62 -2.33
N TRP B 74 9.82 -3.88 -2.01
CA TRP B 74 9.74 -4.98 -3.00
C TRP B 74 8.31 -5.27 -3.38
N PHE B 75 7.41 -5.31 -2.39
CA PHE B 75 5.99 -5.52 -2.68
C PHE B 75 5.41 -4.38 -3.52
N ALA B 76 5.83 -3.15 -3.24
CA ALA B 76 5.39 -2.02 -4.02
C ALA B 76 5.87 -2.10 -5.47
N GLU B 77 7.13 -2.41 -5.66
CA GLU B 77 7.69 -2.52 -7.01
C GLU B 77 7.00 -3.60 -7.82
N ASN B 78 6.60 -4.68 -7.16
CA ASN B 78 6.01 -5.83 -7.81
C ASN B 78 4.50 -5.85 -7.80
N ASN B 79 3.88 -4.70 -7.65
CA ASN B 79 2.42 -4.63 -7.57
C ASN B 79 1.79 -5.67 -6.66
N GLY B 80 2.39 -5.87 -5.50
CA GLY B 80 1.90 -6.88 -4.57
C GLY B 80 1.08 -6.30 -3.44
N PRO B 81 0.75 -7.12 -2.44
CA PRO B 81 -0.03 -6.63 -1.30
C PRO B 81 0.77 -5.73 -0.37
N HIS B 82 0.05 -5.05 0.53
CA HIS B 82 0.65 -4.25 1.59
C HIS B 82 0.99 -5.19 2.75
N LEU B 83 2.26 -5.20 3.16
CA LEU B 83 2.64 -5.86 4.41
C LEU B 83 2.37 -4.94 5.56
N CYS B 84 1.45 -5.34 6.44
CA CYS B 84 0.99 -4.44 7.50
C CYS B 84 0.82 -5.23 8.79
N TYR B 85 0.49 -4.52 9.87
CA TYR B 85 0.33 -5.10 11.17
C TYR B 85 -0.96 -4.64 11.84
N ASP B 86 -1.75 -5.61 12.29
CA ASP B 86 -3.04 -5.35 12.94
C ASP B 86 -2.86 -5.30 14.45
N ASN B 87 -3.15 -4.15 15.07
CA ASN B 87 -2.96 -3.97 16.54
C ASN B 87 -3.92 -4.78 17.42
N ASN B 88 -4.98 -5.30 16.81
CA ASN B 88 -5.95 -6.19 17.46
C ASN B 88 -5.58 -7.66 17.54
N SER B 89 -5.29 -8.27 16.39
CA SER B 89 -4.98 -9.69 16.33
C SER B 89 -3.50 -9.84 16.51
N GLN B 90 -2.83 -8.70 16.68
CA GLN B 90 -1.35 -8.66 16.79
C GLN B 90 -0.63 -9.44 15.69
N SER B 91 -1.15 -9.41 14.47
CA SER B 91 -0.61 -10.19 13.37
C SER B 91 -0.05 -9.28 12.30
N LEU B 92 0.93 -9.76 11.55
CA LEU B 92 1.23 -9.13 10.29
C LEU B 92 0.41 -9.70 9.16
N LEU B 93 0.09 -8.81 8.23
CA LEU B 93 -0.96 -9.02 7.25
C LEU B 93 -0.40 -8.68 5.91
N LEU B 94 -0.80 -9.45 4.92
CA LEU B 94 -0.64 -9.04 3.56
C LEU B 94 -2.02 -8.62 3.08
N ALA B 95 -2.17 -7.35 2.74
CA ALA B 95 -3.47 -6.79 2.47
C ALA B 95 -3.58 -6.36 1.03
N LEU B 96 -4.63 -6.82 0.36
CA LEU B 96 -4.80 -6.47 -1.03
C LEU B 96 -6.22 -6.04 -1.32
N ASN B 97 -6.37 -4.84 -1.88
CA ASN B 97 -7.66 -4.28 -2.20
C ASN B 97 -8.15 -4.88 -3.51
N PHE B 98 -9.32 -5.48 -3.53
CA PHE B 98 -9.88 -6.04 -4.73
C PHE B 98 -11.02 -5.18 -5.26
N SER B 99 -10.81 -4.65 -6.45
CA SER B 99 -11.84 -3.81 -7.11
C SER B 99 -13.02 -4.63 -7.63
N LEU B 100 -14.22 -4.22 -7.26
CA LEU B 100 -15.44 -4.79 -7.87
C LEU B 100 -15.61 -4.50 -9.33
N ASN B 101 -14.84 -3.56 -9.90
CA ASN B 101 -15.05 -3.26 -11.34
C ASN B 101 -14.42 -4.28 -12.26
N GLU B 102 -15.23 -4.72 -13.23
CA GLU B 102 -14.90 -5.83 -14.12
C GLU B 102 -14.43 -7.02 -13.29
N SER B 103 -15.18 -7.39 -12.25
CA SER B 103 -14.77 -8.49 -11.39
C SER B 103 -15.54 -9.78 -11.68
N SER B 104 -14.95 -10.90 -11.29
CA SER B 104 -15.57 -12.20 -11.41
C SER B 104 -14.98 -13.12 -10.35
N VAL B 105 -15.56 -14.31 -10.18
CA VAL B 105 -15.03 -15.29 -9.25
C VAL B 105 -13.64 -15.78 -9.69
N GLU B 106 -13.43 -15.88 -11.01
CA GLU B 106 -12.10 -16.17 -11.58
C GLU B 106 -11.05 -15.14 -11.14
N LYS B 107 -11.31 -13.85 -11.39
CA LYS B 107 -10.31 -12.83 -11.10
C LYS B 107 -10.08 -12.70 -9.59
N LEU B 108 -11.12 -12.90 -8.77
CA LEU B 108 -10.96 -12.93 -7.31
C LEU B 108 -10.04 -14.06 -6.84
N GLU B 109 -10.15 -15.24 -7.46
CA GLU B 109 -9.18 -16.31 -7.19
C GLU B 109 -7.75 -15.94 -7.47
N CYS B 110 -7.52 -15.31 -8.62
CA CYS B 110 -6.18 -14.88 -9.02
C CYS B 110 -5.55 -13.94 -8.01
N GLU B 111 -6.35 -13.04 -7.44
CA GLU B 111 -5.80 -12.09 -6.48
C GLU B 111 -5.56 -12.73 -5.12
N ILE B 112 -6.43 -13.64 -4.73
CA ILE B 112 -6.22 -14.41 -3.51
C ILE B 112 -4.94 -15.23 -3.68
N GLU B 113 -4.73 -15.73 -4.89
CA GLU B 113 -3.47 -16.42 -5.24
C GLU B 113 -2.24 -15.52 -5.15
N VAL B 114 -2.34 -14.28 -5.62
CA VAL B 114 -1.24 -13.32 -5.46
C VAL B 114 -0.89 -13.13 -3.99
N VAL B 115 -1.89 -13.05 -3.14
CA VAL B 115 -1.66 -12.88 -1.69
C VAL B 115 -1.03 -14.13 -1.11
N ILE B 116 -1.59 -15.29 -1.47
CA ILE B 116 -1.08 -16.58 -1.02
C ILE B 116 0.40 -16.78 -1.38
N ARG B 117 0.75 -16.56 -2.65
CA ARG B 117 2.17 -16.59 -3.04
C ARG B 117 3.01 -15.58 -2.27
N SER B 118 2.44 -14.44 -1.89
CA SER B 118 3.22 -13.48 -1.15
C SER B 118 3.53 -13.97 0.25
N MET B 119 2.55 -14.64 0.88
CA MET B 119 2.77 -15.23 2.20
C MET B 119 3.81 -16.32 2.00
N GLU B 120 3.66 -17.05 0.89
CA GLU B 120 4.62 -18.06 0.48
C GLU B 120 6.05 -17.52 0.43
N ASN B 121 6.26 -16.41 -0.28
CA ASN B 121 7.59 -15.79 -0.36
C ASN B 121 8.08 -15.35 1.01
N LEU B 122 7.17 -14.81 1.83
CA LEU B 122 7.56 -14.23 3.12
C LEU B 122 8.00 -15.31 4.09
N TYR B 123 7.18 -16.36 4.17
CA TYR B 123 7.48 -17.52 4.98
C TYR B 123 8.87 -18.09 4.65
N HIS B 124 9.14 -18.23 3.36
CA HIS B 124 10.37 -18.87 2.89
C HIS B 124 11.55 -17.93 3.06
N ILE B 125 11.28 -16.62 3.13
CA ILE B 125 12.29 -15.61 3.47
C ILE B 125 12.53 -15.54 4.97
N LEU B 126 11.50 -15.74 5.77
CA LEU B 126 11.69 -15.74 7.20
C LEU B 126 12.30 -17.02 7.68
N GLN B 127 12.02 -18.12 6.98
CA GLN B 127 12.60 -19.42 7.31
C GLN B 127 14.11 -19.36 7.16
N ASP B 128 14.58 -18.98 5.97
CA ASP B 128 16.02 -18.81 5.65
C ASP B 128 16.74 -17.96 6.69
N LYS B 129 16.04 -16.93 7.17
CA LYS B 129 16.55 -16.07 8.23
C LYS B 129 16.14 -16.57 9.63
N GLY B 130 15.51 -17.75 9.70
CA GLY B 130 15.27 -18.41 10.99
C GLY B 130 14.45 -17.61 12.00
N ILE B 131 13.45 -16.91 11.50
CA ILE B 131 12.47 -16.26 12.36
C ILE B 131 11.16 -16.64 11.75
N THR B 132 10.40 -17.49 12.45
CA THR B 132 9.07 -17.87 11.94
C THR B 132 7.95 -17.28 12.85
N LEU B 133 6.74 -17.16 12.31
CA LEU B 133 5.66 -16.43 13.02
C LEU B 133 4.75 -17.34 13.84
N ASP B 134 4.25 -16.84 14.98
CA ASP B 134 3.22 -17.56 15.74
C ASP B 134 2.04 -17.56 14.78
N THR B 135 1.67 -18.76 14.32
CA THR B 135 0.73 -18.94 13.20
C THR B 135 -0.67 -19.12 13.81
#